data_4L42
#
_entry.id   4L42
#
_cell.length_a   67.656
_cell.length_b   67.656
_cell.length_c   377.735
_cell.angle_alpha   90.00
_cell.angle_beta   90.00
_cell.angle_gamma   120.00
#
_symmetry.space_group_name_H-M   'P 65 2 2'
#
loop_
_entity.id
_entity.type
_entity.pdbx_description
1 polymer 'RPS6KB1 protein'
2 non-polymer 2-{[4-(5-ethylpyrimidin-4-yl)piperazin-1-yl]methyl}-5-(trifluoromethyl)-1H-benzimidazole
3 non-polymer 'SULFATE ION'
4 non-polymer 'ZINC ION'
5 water water
#
_entity_poly.entity_id   1
_entity_poly.type   'polypeptide(L)'
_entity_poly.pdbx_seq_one_letter_code
;GAMSETSVNRGPEKIRPECFELLRVLGKGGYGKVFQVRKVTGANTGKIFAMKVLKKAMIVRNAKDTAHTKAERNILEEVK
HPFIVDLIYAFQTGGKLYLILEYLSGGELFMQLEREGIFMEDTACFYLAEISMALGHLHQKGIIYRDLKPENIMLNHQGH
VKLTDFGLCKESIHDGTVTHTFCGTIEYMAPEILMRSGHNRAVDWWSLGALMYDMLTGAPPFTGENRKKTIDKILKCKLN
LPPYLTQEARDLLKKLLKRNAASRLGAGPGDAGEVQAHPFFRHINWEELLARKVEPPFKPLLQSEEDVSQFDSKFTRQTP
VDSPDDSTLSEEEQEMFRDFEYIADW
;
_entity_poly.pdbx_strand_id   A
#
loop_
_chem_comp.id
_chem_comp.type
_chem_comp.name
_chem_comp.formula
5FI non-polymer 2-{[4-(5-ethylpyrimidin-4-yl)piperazin-1-yl]methyl}-5-(trifluoromethyl)-1H-benzimidazole 'C19 H21 F3 N6'
SO4 non-polymer 'SULFATE ION' 'O4 S -2'
ZN non-polymer 'ZINC ION' 'Zn 2'
#
# COMPACT_ATOMS: atom_id res chain seq x y z
N GLU A 13 20.68 -11.46 21.45
CA GLU A 13 19.94 -12.46 20.63
C GLU A 13 20.70 -12.83 19.35
N LYS A 14 20.32 -13.96 18.76
CA LYS A 14 20.94 -14.49 17.54
C LYS A 14 20.87 -13.57 16.31
N ILE A 15 19.83 -12.73 16.23
CA ILE A 15 19.73 -11.79 15.12
C ILE A 15 20.09 -10.39 15.53
N ARG A 16 20.98 -9.79 14.76
CA ARG A 16 21.57 -8.52 15.09
C ARG A 16 21.98 -7.80 13.80
N PRO A 17 22.12 -6.47 13.86
CA PRO A 17 22.49 -5.71 12.67
C PRO A 17 23.66 -6.31 11.90
N GLU A 18 24.68 -6.75 12.61
CA GLU A 18 25.86 -7.30 11.98
C GLU A 18 25.59 -8.57 11.17
N CYS A 19 24.37 -9.09 11.24
CA CYS A 19 23.95 -10.24 10.43
C CYS A 19 23.63 -9.90 8.97
N PHE A 20 23.62 -8.61 8.64
CA PHE A 20 23.25 -8.18 7.28
C PHE A 20 24.25 -7.18 6.72
N GLU A 21 24.82 -7.50 5.57
CA GLU A 21 25.64 -6.58 4.78
C GLU A 21 24.71 -5.53 4.17
N LEU A 22 25.12 -4.27 4.20
CA LEU A 22 24.37 -3.18 3.59
C LEU A 22 24.71 -2.96 2.12
N LEU A 23 23.75 -3.20 1.23
CA LEU A 23 24.00 -3.06 -0.20
C LEU A 23 23.74 -1.66 -0.77
N ARG A 24 22.62 -1.05 -0.41
CA ARG A 24 22.37 0.35 -0.78
C ARG A 24 21.11 0.88 -0.14
N VAL A 25 20.99 2.20 -0.13
CA VAL A 25 19.85 2.87 0.49
C VAL A 25 18.67 2.84 -0.46
N LEU A 26 17.54 2.32 -0.01
CA LEU A 26 16.34 2.36 -0.83
C LEU A 26 15.58 3.65 -0.57
N GLY A 27 15.68 4.19 0.63
CA GLY A 27 14.92 5.36 1.00
C GLY A 27 15.53 6.08 2.16
N LYS A 28 15.35 7.39 2.17
CA LYS A 28 15.81 8.22 3.25
C LYS A 28 14.54 8.97 3.64
N GLY A 29 14.28 9.04 4.93
CA GLY A 29 13.23 9.88 5.46
C GLY A 29 13.67 10.46 6.80
N GLY A 30 12.75 11.13 7.46
CA GLY A 30 13.01 11.73 8.77
C GLY A 30 12.99 10.74 9.92
N TYR A 31 12.12 9.73 9.83
CA TYR A 31 12.05 8.70 10.86
C TYR A 31 13.13 7.63 10.75
N GLY A 32 13.85 7.64 9.63
CA GLY A 32 14.91 6.66 9.42
C GLY A 32 15.12 6.35 7.95
N LYS A 33 15.62 5.15 7.66
CA LYS A 33 16.04 4.78 6.31
C LYS A 33 15.60 3.38 5.92
N VAL A 34 15.71 3.07 4.63
CA VAL A 34 15.58 1.70 4.17
C VAL A 34 16.79 1.29 3.33
N PHE A 35 17.33 0.10 3.60
CA PHE A 35 18.47 -0.41 2.85
C PHE A 35 18.15 -1.70 2.14
N GLN A 36 18.73 -1.86 0.97
CA GLN A 36 18.87 -3.17 0.39
C GLN A 36 20.02 -3.81 1.16
N VAL A 37 19.81 -5.03 1.65
CA VAL A 37 20.82 -5.73 2.42
C VAL A 37 20.93 -7.21 2.06
N ARG A 38 22.10 -7.79 2.35
CA ARG A 38 22.35 -9.23 2.18
C ARG A 38 22.54 -9.86 3.56
N LYS A 39 22.04 -11.07 3.77
CA LYS A 39 22.26 -11.75 5.04
C LYS A 39 23.61 -12.48 5.01
N VAL A 40 24.41 -12.26 6.04
CA VAL A 40 25.73 -12.85 6.16
C VAL A 40 25.70 -14.21 6.88
N THR A 41 24.97 -14.27 8.01
CA THR A 41 24.88 -15.49 8.83
C THR A 41 24.07 -16.59 8.17
N GLY A 42 24.11 -17.77 8.76
CA GLY A 42 23.70 -19.02 8.12
C GLY A 42 22.25 -19.23 7.74
N ALA A 43 21.34 -18.73 8.59
CA ALA A 43 19.89 -18.98 8.43
C ALA A 43 19.37 -18.96 6.98
N ASN A 44 19.44 -17.81 6.31
CA ASN A 44 19.18 -17.69 4.88
C ASN A 44 20.35 -16.92 4.29
N THR A 45 21.50 -17.58 4.19
CA THR A 45 22.71 -16.86 3.76
C THR A 45 22.60 -16.34 2.35
N GLY A 46 23.12 -15.13 2.15
CA GLY A 46 23.21 -14.51 0.84
C GLY A 46 21.88 -14.11 0.25
N LYS A 47 20.81 -14.32 1.02
CA LYS A 47 19.49 -13.91 0.60
C LYS A 47 19.33 -12.39 0.78
N ILE A 48 18.52 -11.79 -0.08
CA ILE A 48 18.35 -10.34 -0.07
C ILE A 48 17.10 -9.95 0.67
N PHE A 49 17.24 -8.96 1.54
CA PHE A 49 16.11 -8.41 2.28
C PHE A 49 16.16 -6.92 2.18
N ALA A 50 15.11 -6.30 2.70
CA ALA A 50 15.04 -4.86 2.81
C ALA A 50 15.00 -4.56 4.29
N MET A 51 15.83 -3.64 4.71
CA MET A 51 15.96 -3.33 6.11
C MET A 51 15.34 -1.99 6.32
N LYS A 52 14.37 -1.90 7.21
CA LYS A 52 13.81 -0.62 7.57
C LYS A 52 14.36 -0.32 8.94
N VAL A 53 15.03 0.82 9.08
CA VAL A 53 15.68 1.19 10.34
C VAL A 53 15.11 2.52 10.82
N LEU A 54 14.57 2.54 12.03
CA LEU A 54 13.90 3.73 12.57
C LEU A 54 14.64 4.36 13.74
N LYS A 55 14.54 5.68 13.86
CA LYS A 55 15.22 6.37 14.95
C LYS A 55 14.34 6.34 16.20
N LYS A 56 14.68 5.44 17.14
CA LYS A 56 14.03 5.37 18.45
C LYS A 56 13.80 6.75 19.07
N ALA A 57 14.82 7.60 18.93
CA ALA A 57 14.75 9.03 19.29
C ALA A 57 13.56 9.88 18.80
N MET A 58 13.36 9.90 17.48
CA MET A 58 12.19 10.50 16.84
C MET A 58 10.85 9.95 17.34
N ILE A 59 10.85 8.70 17.80
CA ILE A 59 9.61 7.97 18.02
C ILE A 59 9.12 7.84 19.46
N VAL A 60 10.02 7.52 20.38
CA VAL A 60 9.58 7.23 21.76
C VAL A 60 8.97 8.45 22.41
N ARG A 61 9.50 9.62 22.05
CA ARG A 61 9.05 10.84 22.66
C ARG A 61 7.63 11.21 22.24
N ASN A 62 7.18 10.69 21.11
CA ASN A 62 5.83 10.95 20.63
C ASN A 62 4.91 9.73 20.77
N ALA A 63 3.89 9.85 21.61
CA ALA A 63 2.93 8.77 21.84
C ALA A 63 2.25 8.23 20.57
N LYS A 64 1.83 9.14 19.69
CA LYS A 64 1.29 8.77 18.38
C LYS A 64 2.32 7.96 17.54
N ASP A 65 3.47 8.58 17.23
CA ASP A 65 4.48 7.91 16.43
C ASP A 65 4.81 6.55 17.04
N THR A 66 4.90 6.52 18.37
CA THR A 66 5.21 5.29 19.07
C THR A 66 4.14 4.24 18.82
N ALA A 67 2.88 4.60 19.02
CA ALA A 67 1.78 3.64 18.85
C ALA A 67 1.70 3.16 17.42
N HIS A 68 1.84 4.09 16.49
CA HIS A 68 1.85 3.76 15.07
C HIS A 68 2.96 2.76 14.76
N THR A 69 4.12 2.97 15.37
CA THR A 69 5.20 2.05 15.18
C THR A 69 4.94 0.68 15.73
N LYS A 70 4.29 0.59 16.88
CA LYS A 70 3.99 -0.70 17.43
C LYS A 70 2.92 -1.40 16.64
N ALA A 71 2.04 -0.62 16.03
CA ALA A 71 0.97 -1.19 15.26
C ALA A 71 1.50 -1.73 13.96
N GLU A 72 2.40 -0.98 13.33
CA GLU A 72 3.04 -1.46 12.12
C GLU A 72 3.67 -2.82 12.37
N ARG A 73 4.33 -2.93 13.51
CA ARG A 73 5.02 -4.14 13.89
C ARG A 73 4.02 -5.28 14.08
N ASN A 74 3.03 -5.08 14.94
CA ASN A 74 2.00 -6.09 15.16
C ASN A 74 1.44 -6.61 13.85
N ILE A 75 1.05 -5.67 12.99
CA ILE A 75 0.37 -5.96 11.73
C ILE A 75 1.18 -6.85 10.80
N LEU A 76 2.43 -6.46 10.57
CA LEU A 76 3.32 -7.20 9.71
C LEU A 76 3.54 -8.63 10.21
N GLU A 77 3.14 -8.88 11.45
CA GLU A 77 3.27 -10.20 12.01
C GLU A 77 1.97 -10.95 12.28
N GLU A 78 0.97 -10.25 12.82
CA GLU A 78 -0.34 -10.84 13.04
C GLU A 78 -1.06 -11.11 11.71
N VAL A 79 -0.53 -10.56 10.63
CA VAL A 79 -1.24 -10.55 9.32
C VAL A 79 -0.46 -11.16 8.14
N LYS A 80 -0.56 -12.47 7.96
CA LYS A 80 0.11 -13.14 6.87
C LYS A 80 -0.82 -13.25 5.67
N HIS A 81 -0.34 -12.84 4.50
CA HIS A 81 -1.14 -12.83 3.27
C HIS A 81 -0.29 -12.77 1.98
N PRO A 82 -0.78 -13.41 0.91
CA PRO A 82 -0.11 -13.47 -0.40
C PRO A 82 0.10 -12.14 -1.13
N PHE A 83 -0.66 -11.10 -0.77
CA PHE A 83 -0.48 -9.78 -1.38
C PHE A 83 -0.14 -8.75 -0.32
N ILE A 84 0.39 -9.24 0.80
CA ILE A 84 0.89 -8.35 1.82
C ILE A 84 2.29 -8.71 2.18
N VAL A 85 3.19 -7.73 2.07
CA VAL A 85 4.61 -7.89 2.33
C VAL A 85 4.87 -8.74 3.58
N ASP A 86 5.85 -9.62 3.50
CA ASP A 86 6.17 -10.51 4.60
C ASP A 86 7.28 -9.96 5.46
N LEU A 87 7.10 -10.04 6.78
CA LEU A 87 8.11 -9.62 7.75
C LEU A 87 8.97 -10.83 8.10
N ILE A 88 10.28 -10.67 8.07
CA ILE A 88 11.16 -11.81 8.28
C ILE A 88 11.86 -11.78 9.62
N TYR A 89 12.36 -10.60 10.01
CA TYR A 89 12.95 -10.40 11.33
C TYR A 89 12.61 -9.02 11.81
N ALA A 90 12.59 -8.86 13.13
CA ALA A 90 12.55 -7.54 13.78
C ALA A 90 13.51 -7.57 14.98
N PHE A 91 14.11 -6.42 15.29
CA PHE A 91 15.03 -6.32 16.43
C PHE A 91 15.48 -4.89 16.65
N GLN A 92 16.13 -4.64 17.78
CA GLN A 92 16.46 -3.26 18.20
C GLN A 92 17.88 -3.11 18.74
N THR A 93 18.29 -1.91 18.85
CA THR A 93 19.45 -1.75 19.52
C THR A 93 19.06 -0.64 20.40
N GLY A 94 20.09 -0.03 20.77
CA GLY A 94 20.07 1.18 21.56
C GLY A 94 19.17 2.39 21.43
N GLY A 95 19.54 2.84 20.02
CA GLY A 95 18.54 3.80 19.59
C GLY A 95 17.92 3.58 18.24
N LYS A 96 17.80 2.31 17.81
CA LYS A 96 17.26 1.98 16.49
C LYS A 96 16.35 0.74 16.50
N LEU A 97 15.33 0.75 15.64
CA LEU A 97 14.46 -0.41 15.41
C LEU A 97 14.67 -0.98 14.02
N TYR A 98 14.58 -2.29 13.90
CA TYR A 98 14.89 -2.95 12.66
C TYR A 98 13.75 -3.83 12.22
N LEU A 99 13.29 -3.59 11.00
CA LEU A 99 12.40 -4.52 10.35
C LEU A 99 13.09 -5.05 9.12
N ILE A 100 13.17 -6.38 9.06
CA ILE A 100 13.71 -7.05 7.90
C ILE A 100 12.53 -7.66 7.16
N LEU A 101 12.20 -7.07 6.01
CA LEU A 101 11.11 -7.58 5.20
C LEU A 101 11.66 -8.14 3.91
N GLU A 102 10.89 -9.04 3.30
CA GLU A 102 11.25 -9.58 2.01
C GLU A 102 11.61 -8.46 1.04
N TYR A 103 12.63 -8.70 0.23
CA TYR A 103 12.95 -7.76 -0.84
C TYR A 103 11.98 -7.95 -2.01
N LEU A 104 11.37 -6.86 -2.44
CA LEU A 104 10.46 -6.88 -3.55
C LEU A 104 11.19 -6.36 -4.77
N SER A 105 11.63 -7.29 -5.59
CA SER A 105 12.55 -7.00 -6.70
C SER A 105 11.87 -6.39 -7.92
N GLY A 106 10.54 -6.37 -7.94
CA GLY A 106 9.77 -5.89 -9.09
C GLY A 106 9.43 -4.41 -9.06
N GLY A 107 9.83 -3.73 -7.99
CA GLY A 107 9.64 -2.29 -7.89
C GLY A 107 8.20 -1.88 -7.65
N GLU A 108 7.95 -0.58 -7.78
CA GLU A 108 6.62 -0.02 -7.59
C GLU A 108 5.76 -0.23 -8.81
N LEU A 109 4.46 -0.39 -8.58
CA LEU A 109 3.51 -0.50 -9.64
C LEU A 109 3.56 0.82 -10.38
N PHE A 110 3.89 1.85 -9.64
CA PHE A 110 4.12 3.16 -10.18
C PHE A 110 4.99 3.10 -11.45
N MET A 111 6.20 2.54 -11.29
CA MET A 111 7.18 2.42 -12.39
C MET A 111 6.57 1.77 -13.63
N GLN A 112 5.72 0.77 -13.42
CA GLN A 112 5.03 0.09 -14.52
C GLN A 112 4.16 1.02 -15.36
N LEU A 113 3.27 1.74 -14.69
CA LEU A 113 2.43 2.76 -15.31
C LEU A 113 3.25 3.87 -15.95
N GLU A 114 4.33 4.27 -15.28
CA GLU A 114 5.25 5.26 -15.81
C GLU A 114 5.62 4.98 -17.26
N ARG A 115 6.18 3.80 -17.50
CA ARG A 115 6.66 3.43 -18.82
C ARG A 115 5.52 3.02 -19.75
N GLU A 116 4.51 2.34 -19.21
CA GLU A 116 3.35 1.93 -20.00
C GLU A 116 2.51 3.09 -20.53
N GLY A 117 2.34 4.13 -19.72
CA GLY A 117 1.38 5.18 -20.03
C GLY A 117 0.01 4.72 -19.59
N ILE A 118 -0.54 3.73 -20.28
CA ILE A 118 -1.84 3.16 -19.99
C ILE A 118 -1.79 1.63 -19.95
N PHE A 119 -2.52 1.01 -19.04
CA PHE A 119 -2.65 -0.44 -19.01
C PHE A 119 -3.82 -0.90 -19.87
N MET A 120 -3.70 -2.08 -20.45
CA MET A 120 -4.87 -2.73 -21.02
C MET A 120 -5.76 -3.25 -19.90
N GLU A 121 -7.08 -3.12 -20.09
CA GLU A 121 -8.04 -3.53 -19.07
C GLU A 121 -7.65 -4.83 -18.40
N ASP A 122 -7.25 -5.81 -19.19
CA ASP A 122 -6.80 -7.09 -18.68
C ASP A 122 -5.68 -6.97 -17.66
N THR A 123 -4.67 -6.18 -18.00
CA THR A 123 -3.57 -5.90 -17.09
C THR A 123 -4.08 -5.16 -15.87
N ALA A 124 -4.85 -4.11 -16.11
CA ALA A 124 -5.41 -3.31 -15.03
C ALA A 124 -6.17 -4.23 -14.10
N CYS A 125 -7.01 -5.07 -14.69
CA CYS A 125 -7.90 -5.93 -13.94
C CYS A 125 -7.13 -6.81 -12.98
N PHE A 126 -6.12 -7.49 -13.51
CA PHE A 126 -5.30 -8.39 -12.72
C PHE A 126 -4.85 -7.74 -11.41
N TYR A 127 -4.21 -6.57 -11.55
CA TYR A 127 -3.65 -5.87 -10.42
C TYR A 127 -4.74 -5.51 -9.43
N LEU A 128 -5.77 -4.82 -9.92
CA LEU A 128 -6.90 -4.41 -9.08
C LEU A 128 -7.55 -5.57 -8.35
N ALA A 129 -7.51 -6.75 -8.97
CA ALA A 129 -8.13 -7.90 -8.40
C ALA A 129 -7.32 -8.29 -7.20
N GLU A 130 -6.01 -8.42 -7.39
CA GLU A 130 -5.15 -8.84 -6.27
C GLU A 130 -5.33 -7.87 -5.13
N ILE A 131 -5.11 -6.59 -5.43
CA ILE A 131 -5.30 -5.52 -4.46
C ILE A 131 -6.67 -5.58 -3.79
N SER A 132 -7.71 -5.89 -4.55
CA SER A 132 -9.04 -6.02 -3.95
C SER A 132 -9.05 -7.05 -2.84
N MET A 133 -8.40 -8.19 -3.08
CA MET A 133 -8.31 -9.27 -2.10
C MET A 133 -7.57 -8.80 -0.84
N ALA A 134 -6.39 -8.22 -1.05
CA ALA A 134 -5.60 -7.67 0.06
C ALA A 134 -6.46 -6.76 0.94
N LEU A 135 -7.19 -5.84 0.32
CA LEU A 135 -8.12 -4.95 1.03
C LEU A 135 -9.23 -5.67 1.82
N GLY A 136 -9.85 -6.67 1.21
CA GLY A 136 -10.86 -7.46 1.89
C GLY A 136 -10.31 -8.10 3.15
N HIS A 137 -9.08 -8.56 3.08
CA HIS A 137 -8.46 -9.18 4.23
C HIS A 137 -8.24 -8.21 5.38
N LEU A 138 -7.65 -7.06 5.08
CA LEU A 138 -7.37 -6.03 6.06
C LEU A 138 -8.67 -5.54 6.67
N HIS A 139 -9.70 -5.38 5.86
CA HIS A 139 -10.95 -4.86 6.36
C HIS A 139 -11.52 -5.80 7.38
N GLN A 140 -11.43 -7.08 7.06
CA GLN A 140 -11.81 -8.17 7.93
C GLN A 140 -11.16 -8.06 9.29
N LYS A 141 -9.92 -7.57 9.31
CA LYS A 141 -9.15 -7.39 10.54
C LYS A 141 -9.19 -5.92 10.95
N GLY A 142 -10.33 -5.28 10.72
CA GLY A 142 -10.53 -3.87 11.07
C GLY A 142 -9.41 -2.93 10.66
N ILE A 143 -8.64 -3.30 9.65
CA ILE A 143 -7.55 -2.44 9.17
C ILE A 143 -7.93 -1.76 7.86
N ILE A 144 -7.65 -0.48 7.80
CA ILE A 144 -7.88 0.32 6.62
C ILE A 144 -6.54 0.72 6.05
N TYR A 145 -6.25 0.36 4.82
CA TYR A 145 -5.03 0.82 4.20
C TYR A 145 -4.85 2.29 4.01
N ARG A 146 -5.91 3.05 3.79
CA ARG A 146 -5.70 4.49 3.57
C ARG A 146 -5.15 5.23 2.36
N ASP A 147 -3.94 4.88 1.93
CA ASP A 147 -3.37 5.50 0.75
C ASP A 147 -2.95 4.46 -0.24
N LEU A 148 -3.69 4.37 -1.33
CA LEU A 148 -3.40 3.41 -2.36
C LEU A 148 -2.68 4.00 -3.56
N LYS A 149 -1.89 5.05 -3.37
CA LYS A 149 -1.10 5.57 -4.49
C LYS A 149 -0.31 4.37 -5.07
N PRO A 150 0.01 4.43 -6.37
CA PRO A 150 0.80 3.41 -7.09
C PRO A 150 2.17 3.14 -6.50
N GLU A 151 2.58 3.90 -5.50
CA GLU A 151 3.87 3.68 -4.86
C GLU A 151 3.77 2.84 -3.59
N ASN A 152 2.59 2.80 -2.96
CA ASN A 152 2.34 1.87 -1.85
C ASN A 152 2.18 0.45 -2.34
N ILE A 153 2.14 0.27 -3.65
CA ILE A 153 2.04 -1.07 -4.24
C ILE A 153 3.32 -1.44 -4.94
N MET A 154 3.79 -2.65 -4.67
CA MET A 154 5.03 -3.15 -5.24
C MET A 154 4.83 -4.57 -5.71
N LEU A 155 5.78 -5.02 -6.53
CA LEU A 155 5.71 -6.31 -7.18
C LEU A 155 6.89 -7.17 -6.76
N ASN A 156 6.64 -8.44 -6.46
CA ASN A 156 7.72 -9.37 -6.19
C ASN A 156 8.47 -9.76 -7.48
N HIS A 157 9.37 -10.73 -7.37
CA HIS A 157 10.08 -11.26 -8.55
C HIS A 157 9.11 -11.72 -9.64
N GLN A 158 8.15 -12.56 -9.26
CA GLN A 158 7.18 -13.15 -10.18
C GLN A 158 6.09 -12.17 -10.65
N GLY A 159 6.30 -10.87 -10.44
CA GLY A 159 5.36 -9.83 -10.90
C GLY A 159 4.01 -9.74 -10.19
N HIS A 160 3.91 -10.34 -9.00
CA HIS A 160 2.70 -10.24 -8.21
C HIS A 160 2.72 -9.05 -7.26
N VAL A 161 1.52 -8.58 -6.96
CA VAL A 161 1.30 -7.39 -6.15
C VAL A 161 1.53 -7.63 -4.66
N LYS A 162 2.20 -6.69 -3.99
CA LYS A 162 2.35 -6.74 -2.54
C LYS A 162 2.01 -5.39 -1.95
N LEU A 163 1.24 -5.39 -0.87
CA LEU A 163 0.89 -4.18 -0.16
C LEU A 163 1.92 -3.85 0.88
N THR A 164 2.42 -2.62 0.80
CA THR A 164 3.73 -2.25 1.38
C THR A 164 4.17 -1.64 2.72
N ASP A 165 3.36 -0.69 3.19
CA ASP A 165 3.43 0.59 3.90
C ASP A 165 2.32 0.54 4.95
N PHE A 166 2.73 0.41 6.20
CA PHE A 166 1.84 0.51 7.32
C PHE A 166 2.53 1.34 8.37
N GLY A 167 3.71 1.86 8.04
CA GLY A 167 4.56 2.48 9.01
C GLY A 167 4.51 3.99 9.06
N LEU A 168 5.62 4.57 9.46
CA LEU A 168 5.73 6.00 9.61
C LEU A 168 5.86 6.65 8.25
N CYS A 169 5.54 7.93 8.19
CA CYS A 169 5.78 8.72 7.01
C CYS A 169 7.20 8.54 6.43
N LYS A 170 7.27 8.40 5.11
CA LYS A 170 8.53 8.17 4.45
C LYS A 170 9.21 9.45 3.96
N GLU A 171 8.54 10.58 4.14
CA GLU A 171 9.07 11.83 3.61
C GLU A 171 10.21 12.36 4.48
N SER A 172 10.97 13.29 3.89
CA SER A 172 11.87 14.14 4.66
C SER A 172 11.26 15.52 4.84
N ILE A 173 10.30 15.85 3.97
CA ILE A 173 9.56 17.09 4.01
C ILE A 173 8.15 16.64 4.22
N HIS A 174 7.59 17.20 5.29
CA HIS A 174 6.22 16.89 5.59
C HIS A 174 5.21 17.98 5.18
N ASP A 175 3.88 17.59 5.30
CA ASP A 175 2.81 18.55 5.09
C ASP A 175 2.45 19.13 6.44
N GLY A 176 2.88 20.36 6.66
CA GLY A 176 2.60 21.00 7.92
C GLY A 176 3.30 20.28 9.04
N THR A 177 2.60 20.13 10.17
CA THR A 177 3.30 19.78 11.42
C THR A 177 2.20 18.75 11.75
N VAL A 178 2.11 18.26 12.95
CA VAL A 178 0.93 17.64 13.53
C VAL A 178 0.66 16.24 12.96
N THR A 179 0.48 16.18 11.64
CA THR A 179 -0.02 14.99 10.97
C THR A 179 0.82 14.68 9.75
N HIS A 180 0.74 13.41 9.45
CA HIS A 180 1.36 13.02 8.21
C HIS A 180 0.39 12.49 7.17
N THR A 181 -0.87 12.73 7.26
CA THR A 181 -1.86 12.20 6.33
C THR A 181 -1.57 12.68 4.92
N PHE A 182 -1.20 13.96 4.80
CA PHE A 182 -1.07 14.59 3.50
C PHE A 182 0.35 14.88 3.07
N CYS A 183 1.28 14.18 3.55
CA CYS A 183 2.69 14.46 3.31
C CYS A 183 3.12 14.15 1.86
N GLY A 184 2.52 13.07 1.28
CA GLY A 184 2.75 12.72 -0.12
C GLY A 184 1.59 13.16 -1.01
N THR A 185 1.32 12.39 -2.06
CA THR A 185 0.28 12.79 -3.01
C THR A 185 -1.10 12.53 -2.45
N ILE A 186 -2.04 13.40 -2.81
CA ILE A 186 -3.42 13.27 -2.38
C ILE A 186 -4.34 12.75 -3.49
N GLU A 187 -3.80 12.61 -4.71
CA GLU A 187 -4.59 12.18 -5.87
C GLU A 187 -5.58 11.03 -5.57
N TYR A 188 -5.13 10.00 -4.85
CA TYR A 188 -5.95 8.80 -4.70
C TYR A 188 -6.78 8.79 -3.42
N MET A 189 -6.83 9.93 -2.74
CA MET A 189 -7.54 10.00 -1.45
C MET A 189 -9.00 10.32 -1.60
N ALA A 190 -9.84 9.61 -0.84
CA ALA A 190 -11.28 9.87 -0.80
C ALA A 190 -11.57 11.26 -0.20
N PRO A 191 -12.64 11.91 -0.64
CA PRO A 191 -13.06 13.26 -0.24
C PRO A 191 -13.17 13.46 1.27
N GLU A 192 -13.87 12.55 1.97
CA GLU A 192 -14.02 12.63 3.42
C GLU A 192 -12.69 12.78 4.17
N ILE A 193 -11.66 12.12 3.68
CA ILE A 193 -10.35 12.26 4.26
C ILE A 193 -9.80 13.67 4.11
N LEU A 194 -10.22 14.35 3.06
CA LEU A 194 -9.78 15.71 2.79
C LEU A 194 -10.53 16.71 3.67
N MET A 195 -11.71 16.30 4.13
CA MET A 195 -12.49 17.11 5.06
C MET A 195 -12.30 16.63 6.47
N ARG A 196 -11.56 15.58 6.67
CA ARG A 196 -11.31 15.07 8.00
C ARG A 196 -12.62 14.66 8.63
N SER A 197 -13.68 14.79 7.86
CA SER A 197 -15.03 14.43 8.28
C SER A 197 -15.29 12.93 8.39
N GLY A 198 -14.64 12.27 9.33
CA GLY A 198 -14.89 10.86 9.52
C GLY A 198 -14.16 10.07 8.46
N HIS A 199 -14.19 8.72 8.75
CA HIS A 199 -14.03 7.74 7.68
C HIS A 199 -14.05 6.30 8.14
N ASN A 200 -13.94 5.41 7.17
CA ASN A 200 -13.96 3.98 7.37
C ASN A 200 -13.46 3.26 6.13
N ARG A 201 -13.62 1.93 6.11
CA ARG A 201 -13.07 1.12 5.05
C ARG A 201 -13.50 1.53 3.64
N ALA A 202 -14.62 2.25 3.53
CA ALA A 202 -15.12 2.72 2.23
C ALA A 202 -14.10 3.58 1.46
N VAL A 203 -13.20 4.20 2.22
CA VAL A 203 -12.17 5.07 1.69
C VAL A 203 -11.20 4.34 0.79
N ASP A 204 -11.01 3.05 1.08
CA ASP A 204 -10.17 2.17 0.28
C ASP A 204 -10.79 1.89 -1.06
N TRP A 205 -12.10 1.74 -1.08
CA TRP A 205 -12.77 1.46 -2.33
C TRP A 205 -12.70 2.68 -3.24
N TRP A 206 -12.87 3.86 -2.68
CA TRP A 206 -12.61 5.05 -3.45
C TRP A 206 -11.22 4.93 -4.04
N SER A 207 -10.25 4.72 -3.18
CA SER A 207 -8.90 4.72 -3.64
C SER A 207 -8.68 3.71 -4.77
N LEU A 208 -9.25 2.51 -4.64
CA LEU A 208 -9.17 1.51 -5.70
C LEU A 208 -9.70 2.08 -7.03
N GLY A 209 -10.79 2.83 -6.93
CA GLY A 209 -11.35 3.48 -8.08
C GLY A 209 -10.30 4.39 -8.68
N ALA A 210 -9.82 5.32 -7.86
CA ALA A 210 -8.87 6.32 -8.33
C ALA A 210 -7.66 5.64 -8.96
N LEU A 211 -7.23 4.51 -8.38
CA LEU A 211 -6.14 3.72 -8.97
C LEU A 211 -6.54 3.22 -10.36
N MET A 212 -7.67 2.52 -10.43
CA MET A 212 -8.20 1.96 -11.69
C MET A 212 -8.26 3.00 -12.80
N TYR A 213 -8.77 4.16 -12.48
CA TYR A 213 -8.84 5.23 -13.44
C TYR A 213 -7.48 5.59 -13.97
N ASP A 214 -6.55 5.91 -13.06
CA ASP A 214 -5.18 6.21 -13.43
C ASP A 214 -4.61 5.11 -14.33
N MET A 215 -4.84 3.85 -13.98
CA MET A 215 -4.33 2.77 -14.78
C MET A 215 -4.93 2.79 -16.18
N LEU A 216 -6.23 3.05 -16.28
CA LEU A 216 -6.93 2.88 -17.54
C LEU A 216 -6.83 4.10 -18.43
N THR A 217 -6.46 5.25 -17.86
CA THR A 217 -6.44 6.48 -18.65
C THR A 217 -5.08 7.14 -18.63
N GLY A 218 -4.25 6.78 -17.65
CA GLY A 218 -2.91 7.35 -17.55
C GLY A 218 -2.82 8.58 -16.69
N ALA A 219 -3.91 8.88 -15.98
CA ALA A 219 -3.93 10.01 -15.04
C ALA A 219 -5.00 9.78 -13.99
N PRO A 220 -4.75 10.25 -12.77
CA PRO A 220 -5.72 10.11 -11.71
C PRO A 220 -6.97 10.89 -12.08
N PRO A 221 -8.14 10.50 -11.53
CA PRO A 221 -9.41 11.05 -11.96
C PRO A 221 -9.58 12.52 -11.70
N PHE A 222 -8.79 13.11 -10.80
CA PHE A 222 -9.02 14.51 -10.49
C PHE A 222 -7.78 15.39 -10.44
N THR A 223 -6.73 15.01 -11.16
CA THR A 223 -5.55 15.83 -11.25
C THR A 223 -5.97 17.23 -11.59
N GLY A 224 -5.57 18.17 -10.76
CA GLY A 224 -5.74 19.56 -11.10
C GLY A 224 -4.41 20.08 -11.56
N GLU A 225 -4.38 21.33 -12.00
CA GLU A 225 -3.17 21.97 -12.49
C GLU A 225 -2.17 22.26 -11.37
N ASN A 226 -2.57 21.97 -10.13
CA ASN A 226 -1.75 22.00 -8.91
C ASN A 226 -2.51 21.28 -7.78
N ARG A 227 -1.85 21.02 -6.67
CA ARG A 227 -2.45 20.48 -5.46
C ARG A 227 -3.71 21.10 -4.88
N LYS A 228 -3.78 22.40 -4.85
CA LYS A 228 -4.98 23.05 -4.37
C LYS A 228 -6.08 22.80 -5.38
N LYS A 229 -5.82 23.18 -6.63
CA LYS A 229 -6.78 22.95 -7.71
C LYS A 229 -7.18 21.46 -7.72
N THR A 230 -6.18 20.59 -7.54
CA THR A 230 -6.45 19.15 -7.42
C THR A 230 -7.47 18.84 -6.32
N ILE A 231 -7.17 19.28 -5.10
CA ILE A 231 -8.09 19.10 -3.96
C ILE A 231 -9.53 19.51 -4.30
N ASP A 232 -9.69 20.72 -4.84
CA ASP A 232 -11.02 21.23 -5.13
C ASP A 232 -11.76 20.27 -6.04
N LYS A 233 -11.02 19.66 -6.96
CA LYS A 233 -11.62 18.71 -7.90
C LYS A 233 -12.17 17.50 -7.20
N ILE A 234 -11.39 16.93 -6.29
CA ILE A 234 -11.82 15.75 -5.53
C ILE A 234 -13.12 15.97 -4.77
N LEU A 235 -13.26 17.15 -4.16
CA LEU A 235 -14.45 17.50 -3.40
C LEU A 235 -15.64 17.78 -4.30
N LYS A 236 -15.39 18.38 -5.47
CA LYS A 236 -16.43 18.61 -6.46
C LYS A 236 -16.91 17.26 -6.96
N CYS A 237 -15.94 16.38 -7.23
CA CYS A 237 -16.19 15.02 -7.66
C CYS A 237 -17.09 14.94 -8.94
N LYS A 238 -16.72 15.70 -9.97
CA LYS A 238 -17.44 15.64 -11.24
C LYS A 238 -16.73 14.68 -12.20
N LEU A 239 -17.17 13.43 -12.20
CA LEU A 239 -16.42 12.35 -12.83
C LEU A 239 -16.58 12.28 -14.35
N ASN A 240 -15.49 12.46 -15.09
CA ASN A 240 -15.53 12.33 -16.54
C ASN A 240 -14.90 11.04 -17.03
N LEU A 241 -15.70 10.16 -17.64
CA LEU A 241 -15.18 8.92 -18.22
C LEU A 241 -14.83 9.05 -19.71
N PRO A 242 -13.63 8.61 -20.12
CA PRO A 242 -13.31 8.63 -21.55
C PRO A 242 -14.16 7.61 -22.31
N PRO A 243 -14.47 7.91 -23.57
CA PRO A 243 -15.38 7.04 -24.31
C PRO A 243 -14.81 5.65 -24.62
N TYR A 244 -13.50 5.45 -24.44
CA TYR A 244 -12.87 4.18 -24.79
C TYR A 244 -13.02 3.09 -23.76
N LEU A 245 -13.47 3.43 -22.56
CA LEU A 245 -13.60 2.44 -21.49
C LEU A 245 -14.76 1.53 -21.81
N THR A 246 -14.54 0.23 -21.61
CA THR A 246 -15.63 -0.74 -21.69
C THR A 246 -16.75 -0.31 -20.74
N GLN A 247 -17.99 -0.64 -21.06
CA GLN A 247 -19.10 -0.32 -20.17
C GLN A 247 -18.92 -0.83 -18.74
N GLU A 248 -18.25 -1.97 -18.57
CA GLU A 248 -17.99 -2.50 -17.24
C GLU A 248 -17.11 -1.53 -16.46
N ALA A 249 -15.91 -1.29 -16.98
CA ALA A 249 -14.99 -0.32 -16.41
C ALA A 249 -15.73 0.95 -16.09
N ARG A 250 -16.45 1.49 -17.08
CA ARG A 250 -17.26 2.69 -16.84
C ARG A 250 -18.19 2.50 -15.63
N ASP A 251 -18.88 1.37 -15.57
CA ASP A 251 -19.83 1.15 -14.50
C ASP A 251 -19.11 1.05 -13.17
N LEU A 252 -18.07 0.21 -13.11
CA LEU A 252 -17.35 0.03 -11.86
C LEU A 252 -16.84 1.37 -11.31
N LEU A 253 -16.18 2.16 -12.16
CA LEU A 253 -15.69 3.46 -11.75
C LEU A 253 -16.78 4.39 -11.26
N LYS A 254 -17.95 4.34 -11.90
CA LYS A 254 -19.10 5.14 -11.48
C LYS A 254 -19.53 4.78 -10.07
N LYS A 255 -19.31 3.53 -9.66
CA LYS A 255 -19.77 3.06 -8.37
C LYS A 255 -18.72 3.17 -7.27
N LEU A 256 -17.45 3.12 -7.65
CA LEU A 256 -16.38 3.33 -6.69
C LEU A 256 -16.13 4.80 -6.40
N LEU A 257 -16.33 5.64 -7.40
CA LEU A 257 -15.93 7.02 -7.24
C LEU A 257 -17.00 7.98 -6.77
N LYS A 258 -17.92 7.46 -5.94
CA LYS A 258 -19.00 8.26 -5.40
C LYS A 258 -18.60 9.05 -4.19
N ARG A 259 -18.81 10.36 -4.25
CA ARG A 259 -18.66 11.28 -3.13
C ARG A 259 -19.29 10.76 -1.86
N ASN A 260 -20.54 10.31 -1.94
CA ASN A 260 -21.16 9.71 -0.75
C ASN A 260 -20.57 8.35 -0.43
N ALA A 261 -19.86 8.27 0.69
CA ALA A 261 -19.16 7.04 1.04
C ALA A 261 -20.13 5.88 1.22
N ALA A 262 -21.30 6.16 1.79
CA ALA A 262 -22.31 5.12 2.03
C ALA A 262 -22.73 4.39 0.77
N SER A 263 -22.90 5.11 -0.34
CA SER A 263 -23.29 4.52 -1.62
C SER A 263 -22.15 3.85 -2.38
N ARG A 264 -20.91 4.20 -2.04
CA ARG A 264 -19.75 3.61 -2.72
C ARG A 264 -19.85 2.09 -2.72
N LEU A 265 -19.57 1.48 -3.85
CA LEU A 265 -19.55 0.01 -3.95
C LEU A 265 -18.54 -0.52 -2.96
N GLY A 266 -18.90 -1.57 -2.24
CA GLY A 266 -18.01 -2.15 -1.26
C GLY A 266 -18.07 -1.48 0.08
N ALA A 267 -18.70 -0.30 0.12
CA ALA A 267 -18.86 0.45 1.36
C ALA A 267 -19.83 -0.29 2.25
N GLY A 268 -20.74 -1.02 1.61
CA GLY A 268 -21.70 -1.84 2.33
C GLY A 268 -21.10 -2.99 3.10
N PRO A 269 -21.97 -3.80 3.73
CA PRO A 269 -21.54 -4.90 4.59
C PRO A 269 -20.96 -6.08 3.78
N GLY A 270 -21.07 -6.00 2.46
CA GLY A 270 -20.50 -7.00 1.57
C GLY A 270 -19.03 -6.73 1.33
N ASP A 271 -18.59 -5.53 1.68
CA ASP A 271 -17.20 -5.10 1.53
C ASP A 271 -16.49 -5.41 0.22
N ALA A 272 -15.41 -6.20 0.28
CA ALA A 272 -14.69 -6.57 -0.92
C ALA A 272 -15.54 -7.39 -1.89
N GLY A 273 -16.42 -8.21 -1.34
CA GLY A 273 -17.27 -9.09 -2.16
C GLY A 273 -18.12 -8.32 -3.13
N GLU A 274 -18.76 -7.26 -2.64
CA GLU A 274 -19.52 -6.33 -3.48
C GLU A 274 -18.71 -5.91 -4.71
N VAL A 275 -17.46 -5.50 -4.48
CA VAL A 275 -16.56 -5.09 -5.55
C VAL A 275 -16.14 -6.27 -6.41
N GLN A 276 -15.70 -7.35 -5.79
CA GLN A 276 -15.20 -8.53 -6.53
C GLN A 276 -16.25 -9.17 -7.43
N ALA A 277 -17.52 -9.02 -7.04
CA ALA A 277 -18.65 -9.52 -7.80
C ALA A 277 -18.75 -8.86 -9.18
N HIS A 278 -18.66 -7.52 -9.21
CA HIS A 278 -18.78 -6.73 -10.44
C HIS A 278 -18.24 -7.35 -11.74
N PRO A 279 -19.05 -7.26 -12.81
CA PRO A 279 -18.78 -7.76 -14.16
C PRO A 279 -17.42 -7.33 -14.69
N PHE A 280 -16.86 -6.27 -14.14
CA PHE A 280 -15.53 -5.89 -14.55
C PHE A 280 -14.57 -7.06 -14.27
N PHE A 281 -15.00 -8.00 -13.45
CA PHE A 281 -14.12 -9.04 -12.95
C PHE A 281 -14.50 -10.44 -13.41
N ARG A 282 -15.40 -10.55 -14.38
CA ARG A 282 -15.90 -11.85 -14.81
C ARG A 282 -14.79 -12.84 -15.16
N HIS A 283 -13.67 -12.33 -15.66
CA HIS A 283 -12.58 -13.21 -16.09
C HIS A 283 -11.58 -13.56 -14.99
N ILE A 284 -11.84 -13.10 -13.77
CA ILE A 284 -10.98 -13.40 -12.65
C ILE A 284 -11.45 -14.70 -12.03
N ASN A 285 -10.56 -15.69 -11.95
CA ASN A 285 -10.82 -16.84 -11.10
C ASN A 285 -10.19 -16.65 -9.73
N TRP A 286 -11.00 -16.20 -8.79
CA TRP A 286 -10.51 -15.77 -7.48
C TRP A 286 -9.68 -16.82 -6.75
N GLU A 287 -10.15 -18.06 -6.78
CA GLU A 287 -9.44 -19.15 -6.12
C GLU A 287 -8.02 -19.28 -6.67
N GLU A 288 -7.91 -19.41 -7.98
CA GLU A 288 -6.60 -19.45 -8.60
C GLU A 288 -5.81 -18.22 -8.20
N LEU A 289 -6.46 -17.07 -8.27
CA LEU A 289 -5.78 -15.78 -8.11
C LEU A 289 -5.09 -15.64 -6.77
N LEU A 290 -5.80 -16.00 -5.70
CA LEU A 290 -5.27 -15.99 -4.34
C LEU A 290 -4.12 -16.98 -4.18
N ALA A 291 -4.16 -18.07 -4.95
CA ALA A 291 -3.10 -19.05 -4.92
C ALA A 291 -1.91 -18.57 -5.75
N ARG A 292 -1.98 -17.32 -6.22
CA ARG A 292 -0.91 -16.70 -7.02
C ARG A 292 -0.53 -17.51 -8.24
N LYS A 293 -1.38 -18.47 -8.62
CA LYS A 293 -1.12 -19.30 -9.80
C LYS A 293 -1.82 -18.70 -11.02
N VAL A 294 -1.42 -17.48 -11.38
CA VAL A 294 -2.06 -16.74 -12.46
C VAL A 294 -1.08 -15.82 -13.18
N GLU A 295 -0.74 -16.15 -14.42
CA GLU A 295 0.19 -15.35 -15.20
C GLU A 295 -0.05 -13.84 -15.03
N PRO A 296 0.92 -13.15 -14.42
CA PRO A 296 0.92 -11.71 -14.29
C PRO A 296 1.40 -11.00 -15.53
N PRO A 297 0.91 -9.78 -15.76
CA PRO A 297 1.23 -9.07 -16.99
C PRO A 297 2.72 -8.75 -17.18
N PHE A 298 3.49 -8.63 -16.10
CA PHE A 298 4.87 -8.14 -16.25
C PHE A 298 5.92 -8.93 -15.49
N LYS A 299 7.18 -8.78 -15.93
CA LYS A 299 8.34 -9.44 -15.31
C LYS A 299 8.41 -10.92 -15.67
N GLU A 335 10.46 2.91 23.90
CA GLU A 335 9.66 2.86 25.12
C GLU A 335 8.32 2.15 24.89
N MET A 336 8.29 0.85 25.16
CA MET A 336 9.50 0.15 25.58
C MET A 336 9.91 -0.84 24.52
N PHE A 337 9.02 -1.06 23.55
CA PHE A 337 9.35 -1.96 22.47
C PHE A 337 9.94 -3.22 23.04
N ARG A 338 9.27 -3.80 24.02
CA ARG A 338 9.82 -4.93 24.73
C ARG A 338 9.91 -6.16 23.87
N ASP A 339 8.77 -6.69 23.45
CA ASP A 339 8.79 -7.89 22.63
C ASP A 339 8.88 -7.53 21.16
N PHE A 340 9.70 -6.53 20.85
CA PHE A 340 9.91 -6.12 19.48
C PHE A 340 10.61 -7.25 18.78
N GLU A 341 11.68 -7.72 19.40
CA GLU A 341 12.48 -8.80 18.83
C GLU A 341 11.60 -9.88 18.28
N TYR A 342 11.89 -10.30 17.06
CA TYR A 342 11.08 -11.32 16.39
C TYR A 342 11.80 -12.09 15.27
N ILE A 343 11.48 -13.37 15.12
CA ILE A 343 11.98 -14.20 14.02
C ILE A 343 10.87 -15.05 13.42
N ALA A 344 10.84 -15.18 12.10
CA ALA A 344 9.69 -15.71 11.40
C ALA A 344 9.47 -17.22 11.35
N ASP A 345 8.22 -17.55 11.01
CA ASP A 345 7.76 -18.93 10.89
C ASP A 345 7.31 -19.48 12.22
N TRP A 346 6.35 -18.79 12.84
CA TRP A 346 5.80 -17.57 12.27
C TRP A 346 5.66 -16.48 13.33
C4 5FI B . 10.83 -1.86 -0.30
C5 5FI B . 10.30 -2.93 0.41
C6 5FI B . 10.64 -4.21 0.01
N1 5FI B . 11.44 -4.40 -1.02
N3 5FI B . 11.65 -2.13 -1.35
FAB 5FI B . 12.31 4.96 8.10
CBB 5FI B . 11.21 5.45 7.56
FAC 5FI B . 11.03 6.72 7.91
FAD 5FI B . 10.19 4.70 7.94
CAU 5FI B . 11.30 5.40 6.05
CAE 5FI B . 12.30 6.10 5.38
CAF 5FI B . 12.36 6.04 3.99
CAI 5FI B . 10.37 4.65 5.35
CAX 5FI B . 10.44 4.60 3.97
CAY 5FI B . 11.42 5.29 3.29
NAS 5FI B . 11.24 5.06 1.99
NAR 5FI B . 9.68 3.98 3.06
CAV 5FI B . 10.17 4.27 1.86
CAO 5FI B . 9.63 3.72 0.53
NAZ 5FI B . 10.01 2.29 0.47
CAL 5FI B . 11.30 1.99 -0.20
CAN 5FI B . 11.39 0.55 -0.78
CAK 5FI B . 8.90 1.34 0.24
CAM 5FI B . 9.36 -0.03 0.73
NBA 5FI B . 10.57 -0.47 -0.05
CAJ 5FI B . 9.35 -2.85 1.60
CAA 5FI B . 9.96 -2.02 2.73
C2 5FI B . 11.94 -3.37 -1.69
S SO4 C . -17.52 -0.34 8.90
O1 SO4 C . -16.26 0.16 8.34
O2 SO4 C . -18.41 -0.80 7.85
O3 SO4 C . -17.25 -1.47 9.79
O4 SO4 C . -18.18 0.76 9.59
S SO4 D . -0.25 16.38 -5.01
O1 SO4 D . 0.36 15.24 -5.66
O2 SO4 D . -1.65 16.44 -5.38
O3 SO4 D . 0.45 17.58 -5.44
O4 SO4 D . -0.16 16.22 -3.57
S SO4 E . 1.82 22.00 -6.24
O1 SO4 E . 0.60 22.76 -6.07
O2 SO4 E . 1.68 21.10 -7.39
O3 SO4 E . 2.06 21.21 -5.05
O4 SO4 E . 2.95 22.91 -6.45
S SO4 F . 20.08 -3.91 -7.54
O1 SO4 F . 20.06 -3.23 -8.83
O2 SO4 F . 18.71 -4.28 -7.16
O3 SO4 F . 20.92 -5.11 -7.62
O4 SO4 F . 20.67 -3.01 -6.56
S SO4 G . -0.94 10.36 11.01
O1 SO4 G . -0.62 10.80 9.66
O2 SO4 G . -2.31 10.70 11.31
O3 SO4 G . -0.78 8.91 11.09
O4 SO4 G . -0.01 11.00 11.93
S SO4 H . 4.79 14.64 13.96
O1 SO4 H . 4.36 15.31 12.73
O2 SO4 H . 4.01 13.42 14.17
O3 SO4 H . 6.20 14.31 13.80
O4 SO4 H . 4.63 15.53 15.11
S SO4 I . -22.30 10.97 -5.44
O1 SO4 I . -21.09 11.31 -6.18
O2 SO4 I . -23.20 10.19 -6.28
O3 SO4 I . -21.96 10.18 -4.25
O4 SO4 I . -22.96 12.20 -5.02
ZN ZN J . 5.12 13.10 6.79
#